data_6HGL
#
_entry.id   6HGL
#
_cell.length_a   71.030
_cell.length_b   76.940
_cell.length_c   80.050
_cell.angle_alpha   90.00
_cell.angle_beta   90.00
_cell.angle_gamma   90.00
#
_symmetry.space_group_name_H-M   'P 21 21 21'
#
loop_
_entity.id
_entity.type
_entity.pdbx_description
1 polymer Alpha-1-antichymotrypsin
2 polymer Alpha-1-antichymotrypsin
3 non-polymer TESTOSTERONE
4 water water
#
loop_
_entity_poly.entity_id
_entity_poly.type
_entity_poly.pdbx_seq_one_letter_code
_entity_poly.pdbx_strand_id
1 'polypeptide(L)'
;MKHHHHHHMKQNSPLDEENLTQENQDRGTHVDRGLASANVDFAFSLYKQLVLKAPDKNVIFSPVSISTALAFLSLGAHNT
TLTEILKGLKFNLTETSEAEIHQSFQHLLRTLNQSSDELQLSMGNAMFVKEQLSLLDRFTEDAKRLYGSEAFATDFQDSA
AAKKLINDYVKNGTRGKITDLIKDLDSQTMMVLVNYIFFKAKWEMPFDPQDTHQSRFYLSKKKWVMVPMMSLHHLTIPYF
RDEELSCTVVQLNYTGNASVFFILPDQDKMEEVEAMLSRETLARWGDSLEFREIGELYLPKFSISRDYNLNDILLQLGIE
EAFTSKADLSGITGARNLAVSQVVHKAVLDVFEEGTEASAATAVKITLL
;
A
2 'polypeptide(L)' SALVETRTIVRFNRPFLMIIVDHFTWSIFFMSKVTNPKQA B
#
# COMPACT_ATOMS: atom_id res chain seq x y z
N ASP A 32 -8.16 9.66 -13.62
N ASP A 32 -11.99 8.70 -13.78
CA ASP A 32 -8.38 8.24 -13.39
CA ASP A 32 -12.21 7.49 -13.00
C ASP A 32 -7.43 7.39 -14.23
C ASP A 32 -10.89 6.80 -12.67
N ARG A 33 -7.40 7.64 -15.54
N ARG A 33 -10.02 6.69 -13.68
CA ARG A 33 -6.48 6.93 -16.41
CA ARG A 33 -8.72 6.02 -13.53
C ARG A 33 -5.03 7.27 -16.06
C ARG A 33 -7.56 6.94 -13.93
N GLY A 34 -4.73 8.57 -15.94
N GLY A 34 -7.69 8.24 -13.63
CA GLY A 34 -3.38 8.99 -15.59
CA GLY A 34 -6.66 9.19 -14.03
C GLY A 34 -3.05 8.80 -14.13
C GLY A 34 -5.35 8.97 -13.30
N LEU A 35 -4.05 8.81 -13.25
N LEU A 35 -5.41 8.62 -12.01
CA LEU A 35 -3.82 8.55 -11.84
CA LEU A 35 -4.20 8.40 -11.22
C LEU A 35 -3.44 7.09 -11.61
C LEU A 35 -3.56 7.04 -11.46
N ALA A 36 -4.19 6.16 -12.23
CA ALA A 36 -3.84 4.76 -12.20
C ALA A 36 -2.40 4.52 -12.67
N SER A 37 -2.03 5.09 -13.82
CA SER A 37 -0.71 4.84 -14.37
C SER A 37 0.38 5.36 -13.44
N ALA A 38 0.22 6.57 -12.90
CA ALA A 38 1.22 7.11 -11.99
C ALA A 38 1.27 6.32 -10.69
N ASN A 39 0.10 5.98 -10.13
CA ASN A 39 0.09 5.27 -8.86
C ASN A 39 0.66 3.87 -9.01
N VAL A 40 0.48 3.22 -10.16
CA VAL A 40 1.03 1.89 -10.38
C VAL A 40 2.53 1.96 -10.63
N ASP A 41 3.00 2.97 -11.38
CA ASP A 41 4.44 3.16 -11.52
C ASP A 41 5.09 3.38 -10.17
N PHE A 42 4.47 4.23 -9.35
CA PHE A 42 4.98 4.50 -8.00
C PHE A 42 5.00 3.23 -7.16
N ALA A 43 3.92 2.42 -7.24
CA ALA A 43 3.87 1.19 -6.48
C ALA A 43 5.08 0.30 -6.75
N PHE A 44 5.42 0.11 -8.03
CA PHE A 44 6.50 -0.82 -8.34
C PHE A 44 7.86 -0.22 -8.05
N SER A 45 8.03 1.09 -8.26
CA SER A 45 9.25 1.78 -7.86
C SER A 45 9.47 1.68 -6.37
N LEU A 46 8.42 1.93 -5.59
CA LEU A 46 8.48 1.76 -4.14
C LEU A 46 8.83 0.32 -3.78
N TYR A 47 8.19 -0.64 -4.42
CA TYR A 47 8.45 -2.05 -4.12
C TYR A 47 9.94 -2.37 -4.32
N LYS A 48 10.50 -1.93 -5.45
CA LYS A 48 11.88 -2.27 -5.76
C LYS A 48 12.85 -1.73 -4.72
N GLN A 49 12.61 -0.52 -4.23
CA GLN A 49 13.48 0.08 -3.21
C GLN A 49 13.36 -0.65 -1.87
N LEU A 50 12.13 -1.03 -1.50
CA LEU A 50 11.92 -1.79 -0.27
C LEU A 50 12.69 -3.11 -0.30
N VAL A 51 12.64 -3.80 -1.44
CA VAL A 51 13.38 -5.06 -1.56
C VAL A 51 14.88 -4.80 -1.54
N LEU A 52 15.32 -3.74 -2.23
CA LEU A 52 16.73 -3.38 -2.20
C LEU A 52 17.20 -3.13 -0.78
N LYS A 53 16.39 -2.44 0.02
CA LYS A 53 16.78 -2.08 1.37
C LYS A 53 16.85 -3.30 2.29
N ALA A 54 15.95 -4.27 2.09
CA ALA A 54 15.85 -5.43 2.98
C ALA A 54 15.54 -6.67 2.13
N PRO A 55 16.55 -7.21 1.46
CA PRO A 55 16.29 -8.25 0.44
C PRO A 55 15.79 -9.59 0.99
N ASP A 56 15.93 -9.85 2.29
CA ASP A 56 15.56 -11.14 2.86
C ASP A 56 14.20 -11.15 3.53
N LYS A 57 13.47 -10.04 3.49
CA LYS A 57 12.29 -9.83 4.32
C LYS A 57 10.98 -9.98 3.53
N ASN A 58 9.93 -10.44 4.21
CA ASN A 58 8.57 -10.25 3.71
C ASN A 58 8.36 -8.78 3.38
N VAL A 59 7.51 -8.52 2.38
CA VAL A 59 7.11 -7.17 2.02
C VAL A 59 5.60 -7.08 2.14
N ILE A 60 5.10 -6.04 2.79
CA ILE A 60 3.67 -5.74 2.73
C ILE A 60 3.50 -4.24 2.92
N PHE A 61 2.85 -3.57 1.96
CA PHE A 61 2.60 -2.15 2.08
C PHE A 61 1.40 -1.78 1.20
N SER A 62 0.89 -0.58 1.44
CA SER A 62 -0.22 -0.06 0.63
C SER A 62 0.29 1.09 -0.24
N PRO A 63 0.51 0.86 -1.53
CA PRO A 63 0.88 1.98 -2.43
C PRO A 63 -0.09 3.14 -2.39
N VAL A 64 -1.40 2.85 -2.45
CA VAL A 64 -2.37 3.93 -2.57
C VAL A 64 -2.40 4.77 -1.29
N SER A 65 -2.12 4.15 -0.13
CA SER A 65 -2.02 4.92 1.11
C SER A 65 -0.86 5.90 1.05
N ILE A 66 0.32 5.42 0.60
CA ILE A 66 1.49 6.28 0.56
C ILE A 66 1.33 7.36 -0.49
N SER A 67 0.83 7.00 -1.67
CA SER A 67 0.56 8.00 -2.70
C SER A 67 -0.39 9.08 -2.20
N THR A 68 -1.43 8.69 -1.48
CA THR A 68 -2.41 9.68 -1.01
C THR A 68 -1.82 10.57 0.07
N ALA A 69 -1.03 9.99 0.98
CA ALA A 69 -0.43 10.77 2.06
C ALA A 69 0.54 11.81 1.50
N LEU A 70 1.30 11.46 0.47
CA LEU A 70 2.26 12.37 -0.12
C LEU A 70 1.58 13.38 -1.04
N ALA A 71 0.51 12.97 -1.72
CA ALA A 71 -0.30 13.94 -2.45
C ALA A 71 -0.88 14.97 -1.50
N PHE A 72 -1.46 14.51 -0.38
CA PHE A 72 -1.89 15.38 0.70
C PHE A 72 -0.80 16.35 1.11
N LEU A 73 0.41 15.83 1.35
CA LEU A 73 1.55 16.69 1.68
C LEU A 73 1.79 17.74 0.60
N SER A 74 1.74 17.34 -0.67
CA SER A 74 2.08 18.25 -1.75
C SER A 74 1.11 19.42 -1.85
N LEU A 75 -0.10 19.28 -1.29
CA LEU A 75 -1.04 20.39 -1.23
C LEU A 75 -0.39 21.63 -0.62
N GLY A 76 0.52 21.44 0.33
CA GLY A 76 1.19 22.55 0.98
C GLY A 76 2.56 22.88 0.46
N ALA A 77 3.09 22.13 -0.50
CA ALA A 77 4.43 22.34 -1.01
C ALA A 77 4.46 23.35 -2.16
N HIS A 78 5.60 24.01 -2.31
CA HIS A 78 5.83 24.97 -3.39
C HIS A 78 7.13 24.65 -4.12
N ASN A 79 7.20 25.14 -5.37
CA ASN A 79 8.44 25.23 -6.16
C ASN A 79 9.14 23.87 -6.18
N THR A 80 10.43 23.78 -5.84
CA THR A 80 11.15 22.53 -6.01
C THR A 80 10.65 21.46 -5.05
N THR A 81 10.25 21.85 -3.83
CA THR A 81 9.68 20.87 -2.91
C THR A 81 8.46 20.22 -3.52
N LEU A 82 7.62 21.02 -4.19
CA LEU A 82 6.40 20.52 -4.79
C LEU A 82 6.69 19.60 -5.96
N THR A 83 7.47 20.08 -6.93
CA THR A 83 7.65 19.28 -8.14
C THR A 83 8.37 17.97 -7.84
N GLU A 84 9.27 17.96 -6.85
CA GLU A 84 9.96 16.72 -6.49
C GLU A 84 8.97 15.68 -5.98
N ILE A 85 7.97 16.11 -5.21
CA ILE A 85 6.96 15.17 -4.71
C ILE A 85 6.13 14.62 -5.85
N LEU A 86 5.57 15.51 -6.69
CA LEU A 86 4.70 15.08 -7.78
C LEU A 86 5.44 14.20 -8.77
N LYS A 87 6.72 14.50 -9.03
CA LYS A 87 7.49 13.65 -9.91
C LYS A 87 7.89 12.36 -9.22
N GLY A 88 8.17 12.42 -7.92
CA GLY A 88 8.42 11.21 -7.16
C GLY A 88 7.22 10.28 -7.15
N LEU A 89 6.03 10.85 -7.11
CA LEU A 89 4.80 10.07 -7.22
C LEU A 89 4.56 9.56 -8.63
N LYS A 90 5.48 9.84 -9.56
CA LYS A 90 5.49 9.36 -10.94
C LYS A 90 4.44 10.04 -11.81
N PHE A 91 4.03 11.26 -11.47
CA PHE A 91 3.14 12.02 -12.33
C PHE A 91 3.94 12.72 -13.42
N ASN A 92 3.45 12.63 -14.65
CA ASN A 92 4.09 13.28 -15.80
C ASN A 92 3.53 14.69 -15.89
N LEU A 93 4.33 15.67 -15.46
CA LEU A 93 3.82 17.04 -15.32
C LEU A 93 3.62 17.75 -16.65
N THR A 94 4.20 17.23 -17.75
CA THR A 94 3.87 17.75 -19.06
C THR A 94 2.49 17.30 -19.54
N GLU A 95 1.86 16.35 -18.84
CA GLU A 95 0.55 15.86 -19.21
C GLU A 95 -0.54 16.18 -18.20
N THR A 96 -0.18 16.57 -16.97
CA THR A 96 -1.15 16.86 -15.93
C THR A 96 -0.64 18.04 -15.10
N SER A 97 -1.55 18.62 -14.31
CA SER A 97 -1.24 19.76 -13.47
C SER A 97 -1.53 19.41 -12.02
N GLU A 98 -1.07 20.29 -11.12
CA GLU A 98 -1.30 20.09 -9.69
C GLU A 98 -2.80 19.99 -9.38
N ALA A 99 -3.59 20.92 -9.91
CA ALA A 99 -5.03 20.91 -9.64
C ALA A 99 -5.68 19.63 -10.15
N GLU A 100 -5.27 19.17 -11.34
CA GLU A 100 -5.75 17.89 -11.85
C GLU A 100 -5.47 16.76 -10.87
N ILE A 101 -4.26 16.74 -10.32
CA ILE A 101 -3.86 15.64 -9.42
C ILE A 101 -4.73 15.63 -8.16
N HIS A 102 -4.84 16.77 -7.48
CA HIS A 102 -5.61 16.80 -6.23
C HIS A 102 -7.07 16.45 -6.47
N GLN A 103 -7.68 16.98 -7.54
CA GLN A 103 -9.05 16.63 -7.84
C GLN A 103 -9.17 15.13 -8.10
N SER A 104 -8.17 14.54 -8.75
CA SER A 104 -8.17 13.10 -9.00
C SER A 104 -8.14 12.32 -7.69
N PHE A 105 -7.34 12.78 -6.72
CA PHE A 105 -7.30 12.09 -5.43
C PHE A 105 -8.59 12.28 -4.66
N GLN A 106 -9.21 13.46 -4.78
CA GLN A 106 -10.52 13.68 -4.20
C GLN A 106 -11.53 12.67 -4.75
N HIS A 107 -11.52 12.47 -6.07
CA HIS A 107 -12.45 11.53 -6.68
C HIS A 107 -12.15 10.10 -6.26
N LEU A 108 -10.86 9.74 -6.19
CA LEU A 108 -10.49 8.40 -5.75
C LEU A 108 -11.02 8.13 -4.36
N LEU A 109 -10.80 9.07 -3.42
CA LEU A 109 -11.25 8.87 -2.05
C LEU A 109 -12.76 8.73 -1.97
N ARG A 110 -13.49 9.52 -2.76
CA ARG A 110 -14.94 9.37 -2.78
C ARG A 110 -15.35 8.00 -3.27
N THR A 111 -14.69 7.51 -4.32
CA THR A 111 -14.99 6.19 -4.85
C THR A 111 -14.65 5.09 -3.84
N LEU A 112 -13.50 5.21 -3.16
CA LEU A 112 -13.11 4.16 -2.22
C LEU A 112 -14.03 4.09 -1.01
N ASN A 113 -14.60 5.21 -0.59
CA ASN A 113 -15.43 5.25 0.60
C ASN A 113 -16.93 5.12 0.29
N GLN A 114 -17.29 4.73 -0.93
CA GLN A 114 -18.69 4.47 -1.25
C GLN A 114 -19.20 3.27 -0.46
N SER A 115 -20.45 3.36 -0.02
CA SER A 115 -21.06 2.24 0.69
C SER A 115 -21.08 0.99 -0.19
N SER A 116 -20.94 -0.17 0.45
CA SER A 116 -20.89 -1.45 -0.27
C SER A 116 -21.22 -2.58 0.68
N ASP A 117 -22.12 -3.48 0.24
CA ASP A 117 -22.49 -4.65 1.04
C ASP A 117 -21.58 -5.84 0.77
N GLU A 118 -20.75 -5.80 -0.27
CA GLU A 118 -19.92 -6.92 -0.65
C GLU A 118 -18.58 -6.93 0.07
N LEU A 119 -18.00 -5.75 0.26
CA LEU A 119 -16.62 -5.59 0.69
C LEU A 119 -16.53 -4.38 1.61
N GLN A 120 -15.71 -4.50 2.66
CA GLN A 120 -15.44 -3.38 3.56
C GLN A 120 -14.16 -2.68 3.09
N LEU A 121 -14.28 -1.40 2.75
CA LEU A 121 -13.15 -0.64 2.26
C LEU A 121 -13.31 0.80 2.73
N SER A 122 -12.29 1.33 3.37
CA SER A 122 -12.34 2.72 3.77
C SER A 122 -10.93 3.28 3.78
N MET A 123 -10.84 4.57 3.50
CA MET A 123 -9.59 5.30 3.58
C MET A 123 -9.90 6.65 4.21
N GLY A 124 -9.08 7.06 5.17
CA GLY A 124 -9.22 8.35 5.80
C GLY A 124 -7.93 9.13 5.75
N ASN A 125 -8.07 10.44 5.88
CA ASN A 125 -6.94 11.35 6.02
C ASN A 125 -7.22 12.27 7.20
N ALA A 126 -6.14 12.63 7.90
CA ALA A 126 -6.26 13.55 9.01
C ALA A 126 -4.98 14.36 9.13
N MET A 127 -5.10 15.53 9.75
CA MET A 127 -3.94 16.33 10.10
C MET A 127 -4.02 16.70 11.58
N PHE A 128 -2.91 16.54 12.27
CA PHE A 128 -2.78 16.85 13.68
C PHE A 128 -1.82 18.03 13.79
N VAL A 129 -2.29 19.15 14.30
CA VAL A 129 -1.56 20.42 14.26
C VAL A 129 -1.39 20.95 15.67
N LYS A 130 -0.23 21.54 15.94
CA LYS A 130 -0.08 22.34 17.14
C LYS A 130 -1.02 23.53 17.05
N GLU A 131 -1.74 23.80 18.14
CA GLU A 131 -2.78 24.82 18.12
C GLU A 131 -2.22 26.20 17.78
N GLN A 132 -1.02 26.51 18.27
CA GLN A 132 -0.43 27.83 18.02
C GLN A 132 0.01 28.01 16.57
N LEU A 133 0.17 26.93 15.82
CA LEU A 133 0.62 27.05 14.44
C LEU A 133 -0.47 27.72 13.61
N SER A 134 -0.08 28.74 12.85
CA SER A 134 -1.03 29.46 12.00
C SER A 134 -1.07 28.82 10.62
N LEU A 135 -2.28 28.47 10.17
CA LEU A 135 -2.48 27.79 8.91
C LEU A 135 -3.26 28.66 7.95
N LEU A 136 -2.78 28.78 6.72
CA LEU A 136 -3.55 29.42 5.67
C LEU A 136 -4.93 28.80 5.57
N ASP A 137 -5.95 29.65 5.50
CA ASP A 137 -7.31 29.14 5.34
C ASP A 137 -7.45 28.36 4.04
N ARG A 138 -6.69 28.71 3.03
CA ARG A 138 -6.74 27.98 1.78
C ARG A 138 -6.26 26.54 1.97
N PHE A 139 -5.23 26.37 2.81
CA PHE A 139 -4.72 25.02 3.02
C PHE A 139 -5.73 24.17 3.78
N THR A 140 -6.24 24.68 4.91
CA THR A 140 -7.18 23.90 5.72
C THR A 140 -8.45 23.59 4.93
N GLU A 141 -8.93 24.54 4.12
CA GLU A 141 -10.14 24.29 3.34
C GLU A 141 -9.89 23.24 2.27
N ASP A 142 -8.78 23.38 1.53
CA ASP A 142 -8.47 22.42 0.49
C ASP A 142 -8.23 21.03 1.07
N ALA A 143 -7.68 20.96 2.28
CA ALA A 143 -7.42 19.68 2.92
C ALA A 143 -8.72 18.97 3.27
N LYS A 144 -9.68 19.70 3.84
CA LYS A 144 -10.99 19.11 4.13
C LYS A 144 -11.72 18.73 2.85
N ARG A 145 -11.66 19.60 1.84
CA ARG A 145 -12.47 19.45 0.64
C ARG A 145 -11.94 18.36 -0.28
N LEU A 146 -10.63 18.36 -0.51
CA LEU A 146 -10.03 17.43 -1.46
C LEU A 146 -9.63 16.10 -0.83
N TYR A 147 -9.11 16.11 0.40
CA TYR A 147 -8.59 14.89 1.03
C TYR A 147 -9.45 14.42 2.18
N GLY A 148 -10.55 15.10 2.49
CA GLY A 148 -11.41 14.64 3.55
C GLY A 148 -10.82 14.78 4.93
N SER A 149 -9.82 15.64 5.09
CA SER A 149 -9.08 15.70 6.34
C SER A 149 -9.71 16.71 7.29
N GLU A 150 -9.89 16.31 8.54
CA GLU A 150 -10.12 17.28 9.58
C GLU A 150 -8.78 17.79 10.10
N ALA A 151 -8.84 18.82 10.93
CA ALA A 151 -7.65 19.40 11.55
C ALA A 151 -7.83 19.30 13.06
N PHE A 152 -7.11 18.37 13.68
CA PHE A 152 -7.20 18.14 15.12
C PHE A 152 -6.11 18.92 15.83
N ALA A 153 -6.50 19.76 16.78
CA ALA A 153 -5.52 20.45 17.61
C ALA A 153 -4.83 19.45 18.51
N THR A 154 -3.49 19.43 18.45
CA THR A 154 -2.69 18.45 19.17
C THR A 154 -1.55 19.16 19.89
N ASP A 155 -1.41 18.90 21.18
CA ASP A 155 -0.30 19.44 21.96
C ASP A 155 0.86 18.45 21.90
N PHE A 156 1.72 18.60 20.89
CA PHE A 156 2.81 17.66 20.69
C PHE A 156 3.83 17.72 21.82
N GLN A 157 3.85 18.80 22.59
CA GLN A 157 4.78 18.90 23.72
C GLN A 157 4.44 17.89 24.81
N ASP A 158 3.17 17.47 24.88
CA ASP A 158 2.81 16.28 25.65
C ASP A 158 2.83 15.11 24.67
N SER A 159 4.05 14.63 24.41
CA SER A 159 4.26 13.70 23.30
C SER A 159 3.50 12.39 23.49
N ALA A 160 3.43 11.89 24.72
CA ALA A 160 2.74 10.62 24.96
C ALA A 160 1.27 10.71 24.62
N ALA A 161 0.60 11.77 25.08
CA ALA A 161 -0.80 11.97 24.74
C ALA A 161 -0.98 12.19 23.24
N ALA A 162 -0.15 13.06 22.64
CA ALA A 162 -0.22 13.31 21.21
C ALA A 162 -0.02 12.01 20.43
N LYS A 163 0.91 11.17 20.88
CA LYS A 163 1.14 9.88 20.23
C LYS A 163 -0.09 8.99 20.34
N LYS A 164 -0.67 8.90 21.54
CA LYS A 164 -1.83 8.04 21.72
C LYS A 164 -3.01 8.49 20.86
N LEU A 165 -3.21 9.81 20.77
CA LEU A 165 -4.32 10.31 19.97
C LEU A 165 -4.18 9.90 18.51
N ILE A 166 -2.99 10.12 17.92
CA ILE A 166 -2.76 9.74 16.53
C ILE A 166 -2.91 8.24 16.36
N ASN A 167 -2.31 7.46 17.25
CA ASN A 167 -2.43 6.00 17.16
C ASN A 167 -3.86 5.52 17.36
N ASP A 168 -4.63 6.21 18.21
CA ASP A 168 -6.03 5.83 18.39
C ASP A 168 -6.83 6.12 17.13
N TYR A 169 -6.57 7.27 16.51
CA TYR A 169 -7.21 7.59 15.23
C TYR A 169 -6.96 6.48 14.22
N VAL A 170 -5.71 6.00 14.13
CA VAL A 170 -5.38 4.96 13.17
C VAL A 170 -6.00 3.63 13.59
N LYS A 171 -5.91 3.30 14.89
CA LYS A 171 -6.54 2.08 15.37
C LYS A 171 -8.03 2.05 15.05
N ASN A 172 -8.72 3.18 15.27
CA ASN A 172 -10.14 3.25 14.95
C ASN A 172 -10.39 3.04 13.46
N GLY A 173 -9.60 3.72 12.62
CA GLY A 173 -9.81 3.61 11.19
C GLY A 173 -9.56 2.22 10.64
N THR A 174 -8.62 1.49 11.22
CA THR A 174 -8.28 0.16 10.73
C THR A 174 -8.90 -0.95 11.57
N ARG A 175 -9.91 -0.62 12.38
CA ARG A 175 -10.63 -1.64 13.14
C ARG A 175 -9.70 -2.44 14.04
N GLY A 176 -8.77 -1.74 14.69
CA GLY A 176 -7.79 -2.35 15.58
C GLY A 176 -6.59 -3.01 14.91
N LYS A 177 -6.51 -2.97 13.58
CA LYS A 177 -5.46 -3.75 12.90
C LYS A 177 -4.10 -3.06 12.93
N ILE A 178 -4.06 -1.73 12.80
CA ILE A 178 -2.80 -0.98 12.87
C ILE A 178 -2.76 -0.27 14.21
N THR A 179 -2.01 -0.81 15.15
N THR A 179 -2.01 -0.80 15.17
CA THR A 179 -1.69 -0.15 16.40
CA THR A 179 -2.08 -0.35 16.55
C THR A 179 -0.27 0.38 16.34
C THR A 179 -1.00 0.65 16.93
N ASP A 180 -0.04 1.49 17.04
N ASP A 180 0.21 0.52 16.39
CA ASP A 180 1.30 2.05 17.25
CA ASP A 180 1.35 1.28 16.85
C ASP A 180 2.03 2.32 15.93
C ASP A 180 2.05 2.00 15.69
N LEU A 181 1.29 2.76 14.91
CA LEU A 181 1.90 3.39 13.74
C LEU A 181 2.98 4.39 14.15
N ILE A 182 2.68 5.23 15.13
CA ILE A 182 3.64 6.19 15.65
C ILE A 182 4.36 5.55 16.82
N LYS A 183 5.66 5.31 16.66
CA LYS A 183 6.44 4.75 17.76
C LYS A 183 7.07 5.86 18.59
N ASP A 184 7.80 6.77 17.97
CA ASP A 184 8.36 7.92 18.64
C ASP A 184 7.79 9.20 18.04
N LEU A 185 7.68 10.23 18.86
CA LEU A 185 7.15 11.51 18.42
C LEU A 185 7.96 12.59 19.12
N ASP A 186 8.76 13.33 18.36
CA ASP A 186 9.51 14.44 18.93
C ASP A 186 8.56 15.47 19.53
N SER A 187 8.98 16.09 20.62
CA SER A 187 8.11 17.05 21.30
C SER A 187 7.95 18.35 20.51
N GLN A 188 8.91 18.68 19.64
CA GLN A 188 8.83 19.88 18.82
C GLN A 188 8.11 19.64 17.49
N THR A 189 7.37 18.54 17.37
CA THR A 189 6.56 18.30 16.18
C THR A 189 5.54 19.43 16.03
N MET A 190 5.38 19.91 14.79
CA MET A 190 4.36 20.90 14.51
C MET A 190 3.10 20.33 13.87
N MET A 191 3.22 19.26 13.10
CA MET A 191 2.09 18.73 12.33
C MET A 191 2.39 17.29 11.94
N VAL A 192 1.35 16.46 11.94
CA VAL A 192 1.43 15.09 11.40
C VAL A 192 0.26 14.89 10.45
N LEU A 193 0.57 14.52 9.20
CA LEU A 193 -0.46 14.13 8.24
C LEU A 193 -0.56 12.61 8.28
N VAL A 194 -1.80 12.10 8.34
CA VAL A 194 -2.03 10.67 8.48
C VAL A 194 -3.03 10.20 7.44
N ASN A 195 -2.72 9.08 6.78
CA ASN A 195 -3.63 8.36 5.92
C ASN A 195 -3.72 6.91 6.41
N TYR A 196 -4.92 6.34 6.42
CA TYR A 196 -5.07 4.92 6.67
C TYR A 196 -5.96 4.32 5.60
N ILE A 197 -5.81 3.01 5.40
CA ILE A 197 -6.68 2.23 4.55
C ILE A 197 -7.05 0.96 5.29
N PHE A 198 -8.32 0.57 5.21
CA PHE A 198 -8.82 -0.67 5.81
C PHE A 198 -9.51 -1.50 4.74
N PHE A 199 -9.23 -2.80 4.70
CA PHE A 199 -9.73 -3.69 3.66
C PHE A 199 -10.14 -5.03 4.28
N LYS A 200 -11.39 -5.44 4.08
CA LYS A 200 -11.85 -6.76 4.52
C LYS A 200 -12.77 -7.31 3.44
N ALA A 201 -12.42 -8.47 2.92
CA ALA A 201 -13.08 -9.01 1.73
C ALA A 201 -13.32 -10.51 1.88
N LYS A 202 -14.35 -11.00 1.21
CA LYS A 202 -14.64 -12.43 1.15
C LYS A 202 -14.18 -12.98 -0.19
N TRP A 203 -13.59 -14.17 -0.17
CA TRP A 203 -13.29 -14.87 -1.41
C TRP A 203 -14.58 -15.12 -2.19
N GLU A 204 -14.51 -14.89 -3.50
CA GLU A 204 -15.57 -15.35 -4.39
C GLU A 204 -15.76 -16.87 -4.25
N MET A 205 -14.66 -17.62 -4.21
CA MET A 205 -14.68 -19.06 -3.98
CA MET A 205 -14.68 -19.06 -3.97
C MET A 205 -13.87 -19.34 -2.72
N PRO A 206 -14.50 -19.32 -1.53
CA PRO A 206 -13.73 -19.51 -0.30
C PRO A 206 -13.21 -20.93 -0.11
N PHE A 207 -12.13 -21.03 0.67
CA PHE A 207 -11.54 -22.30 1.03
C PHE A 207 -12.34 -22.95 2.16
N ASP A 208 -12.39 -24.28 2.14
CA ASP A 208 -13.01 -25.03 3.24
C ASP A 208 -11.97 -25.33 4.30
N PRO A 209 -12.16 -24.90 5.55
CA PRO A 209 -11.15 -25.16 6.59
C PRO A 209 -10.87 -26.64 6.81
N GLN A 210 -11.80 -27.54 6.47
CA GLN A 210 -11.52 -28.96 6.63
C GLN A 210 -10.48 -29.46 5.64
N ASP A 211 -10.23 -28.69 4.57
CA ASP A 211 -9.20 -29.01 3.58
C ASP A 211 -7.84 -28.36 3.87
N THR A 212 -7.71 -27.61 4.96
CA THR A 212 -6.45 -26.97 5.32
C THR A 212 -5.62 -27.95 6.15
N HIS A 213 -4.40 -28.24 5.68
CA HIS A 213 -3.54 -29.19 6.35
C HIS A 213 -2.10 -28.68 6.39
N GLN A 214 -1.42 -28.95 7.50
CA GLN A 214 -0.03 -28.55 7.64
C GLN A 214 0.78 -29.13 6.49
N SER A 215 1.53 -28.27 5.82
CA SER A 215 2.36 -28.69 4.70
CA SER A 215 2.35 -28.68 4.69
C SER A 215 3.60 -27.80 4.65
N ARG A 216 4.56 -28.21 3.83
CA ARG A 216 5.82 -27.50 3.74
C ARG A 216 5.68 -26.21 2.93
N PHE A 217 6.29 -25.15 3.44
CA PHE A 217 6.58 -23.94 2.65
C PHE A 217 8.09 -23.81 2.56
N TYR A 218 8.63 -23.96 1.36
CA TYR A 218 10.08 -23.94 1.15
C TYR A 218 10.58 -22.51 1.16
N LEU A 219 11.36 -22.17 2.19
CA LEU A 219 12.09 -20.91 2.20
C LEU A 219 13.19 -20.93 1.16
N SER A 220 13.79 -22.09 0.94
CA SER A 220 14.80 -22.29 -0.10
C SER A 220 14.69 -23.73 -0.56
N LYS A 221 15.55 -24.11 -1.51
CA LYS A 221 15.48 -25.45 -2.08
C LYS A 221 15.60 -26.53 -1.00
N LYS A 222 16.31 -26.25 0.09
CA LYS A 222 16.60 -27.27 1.09
C LYS A 222 16.05 -26.96 2.47
N LYS A 223 15.39 -25.81 2.65
CA LYS A 223 14.87 -25.44 3.96
C LYS A 223 13.40 -25.06 3.80
N TRP A 224 12.55 -25.58 4.68
CA TRP A 224 11.14 -25.25 4.66
C TRP A 224 10.67 -24.95 6.08
N VAL A 225 9.48 -24.38 6.17
CA VAL A 225 8.74 -24.30 7.41
C VAL A 225 7.38 -24.95 7.17
N MET A 226 6.75 -25.39 8.26
CA MET A 226 5.43 -25.98 8.19
C MET A 226 4.37 -24.90 8.39
N VAL A 227 3.39 -24.88 7.50
CA VAL A 227 2.33 -23.86 7.52
C VAL A 227 0.99 -24.55 7.28
N PRO A 228 -0.11 -23.93 7.73
CA PRO A 228 -1.42 -24.40 7.27
C PRO A 228 -1.59 -24.11 5.79
N MET A 229 -1.68 -25.15 4.97
CA MET A 229 -1.87 -24.98 3.53
C MET A 229 -3.35 -25.17 3.22
N MET A 230 -4.02 -24.09 2.83
CA MET A 230 -5.39 -24.16 2.35
C MET A 230 -5.42 -24.73 0.92
N SER A 231 -6.56 -25.29 0.53
CA SER A 231 -6.67 -25.82 -0.81
C SER A 231 -8.07 -25.65 -1.37
N LEU A 232 -8.13 -25.49 -2.68
CA LEU A 232 -9.36 -25.54 -3.47
C LEU A 232 -9.16 -26.57 -4.56
N HIS A 233 -10.25 -27.25 -4.95
CA HIS A 233 -10.18 -28.25 -6.00
C HIS A 233 -11.20 -27.94 -7.08
N HIS A 234 -10.81 -28.19 -8.32
CA HIS A 234 -11.64 -27.99 -9.51
C HIS A 234 -12.25 -26.59 -9.54
N LEU A 235 -11.36 -25.64 -9.80
CA LEU A 235 -11.75 -24.24 -9.90
C LEU A 235 -11.29 -23.71 -11.24
N THR A 236 -12.11 -22.85 -11.83
CA THR A 236 -11.83 -22.26 -13.15
C THR A 236 -11.61 -20.77 -12.96
N ILE A 237 -10.38 -20.33 -13.19
CA ILE A 237 -9.95 -18.96 -12.85
C ILE A 237 -8.99 -18.47 -13.92
N PRO A 238 -8.80 -17.15 -14.01
CA PRO A 238 -7.80 -16.63 -14.96
C PRO A 238 -6.40 -17.09 -14.58
N TYR A 239 -5.63 -17.47 -15.60
CA TYR A 239 -4.35 -18.16 -15.44
C TYR A 239 -3.45 -17.78 -16.61
N PHE A 240 -2.16 -17.63 -16.34
CA PHE A 240 -1.18 -17.37 -17.39
C PHE A 240 0.18 -17.90 -16.95
N ARG A 241 0.69 -18.90 -17.67
CA ARG A 241 2.05 -19.36 -17.47
C ARG A 241 2.99 -18.47 -18.28
N ASP A 242 3.85 -17.72 -17.59
CA ASP A 242 4.76 -16.77 -18.23
C ASP A 242 6.12 -17.45 -18.38
N GLU A 243 6.35 -18.08 -19.55
CA GLU A 243 7.59 -18.82 -19.73
C GLU A 243 8.78 -17.88 -19.90
N GLU A 244 8.57 -16.69 -20.47
CA GLU A 244 9.65 -15.73 -20.62
CA GLU A 244 9.67 -15.76 -20.63
C GLU A 244 10.20 -15.29 -19.27
N LEU A 245 9.33 -15.18 -18.28
CA LEU A 245 9.72 -14.74 -16.94
C LEU A 245 9.81 -15.87 -15.92
N SER A 246 9.55 -17.12 -16.33
CA SER A 246 9.64 -18.29 -15.44
C SER A 246 8.74 -18.16 -14.22
N CYS A 247 7.48 -17.79 -14.44
CA CYS A 247 6.54 -17.65 -13.34
C CYS A 247 5.13 -17.99 -13.83
N THR A 248 4.26 -18.28 -12.87
CA THR A 248 2.85 -18.55 -13.13
C THR A 248 2.01 -17.47 -12.45
N VAL A 249 1.00 -16.97 -13.15
CA VAL A 249 0.15 -15.89 -12.66
C VAL A 249 -1.28 -16.40 -12.60
N VAL A 250 -1.96 -16.18 -11.47
CA VAL A 250 -3.38 -16.49 -11.34
C VAL A 250 -4.08 -15.32 -10.68
N GLN A 251 -5.35 -15.17 -11.01
CA GLN A 251 -6.19 -14.11 -10.44
CA GLN A 251 -6.19 -14.11 -10.44
C GLN A 251 -7.27 -14.77 -9.60
N LEU A 252 -7.33 -14.41 -8.32
CA LEU A 252 -8.38 -14.87 -7.43
C LEU A 252 -9.24 -13.68 -7.09
N ASN A 253 -10.56 -13.84 -7.21
CA ASN A 253 -11.50 -12.74 -7.03
C ASN A 253 -12.01 -12.68 -5.61
N TYR A 254 -12.26 -11.46 -5.15
CA TYR A 254 -13.10 -11.24 -3.99
C TYR A 254 -14.50 -10.91 -4.47
N THR A 255 -15.47 -11.09 -3.58
CA THR A 255 -16.81 -10.59 -3.87
C THR A 255 -16.74 -9.07 -3.89
N GLY A 256 -17.22 -8.49 -4.97
CA GLY A 256 -17.04 -7.08 -5.21
C GLY A 256 -16.09 -6.84 -6.37
N ASN A 257 -15.55 -5.63 -6.40
CA ASN A 257 -14.70 -5.20 -7.52
C ASN A 257 -13.21 -5.42 -7.25
N ALA A 258 -12.86 -6.14 -6.18
CA ALA A 258 -11.45 -6.35 -5.85
C ALA A 258 -11.04 -7.77 -6.19
N SER A 259 -9.76 -7.94 -6.51
CA SER A 259 -9.19 -9.26 -6.75
C SER A 259 -7.70 -9.20 -6.43
N VAL A 260 -7.09 -10.38 -6.38
CA VAL A 260 -5.65 -10.52 -6.14
C VAL A 260 -5.03 -11.10 -7.40
N PHE A 261 -3.94 -10.49 -7.84
CA PHE A 261 -2.98 -11.15 -8.73
C PHE A 261 -1.96 -11.85 -7.86
N PHE A 262 -1.91 -13.18 -7.94
CA PHE A 262 -0.85 -13.97 -7.33
C PHE A 262 0.20 -14.27 -8.41
N ILE A 263 1.47 -14.07 -8.08
CA ILE A 263 2.55 -14.37 -9.01
C ILE A 263 3.49 -15.36 -8.32
N LEU A 264 3.64 -16.53 -8.92
CA LEU A 264 4.43 -17.61 -8.35
C LEU A 264 5.68 -17.84 -9.21
N PRO A 265 6.82 -17.25 -8.85
CA PRO A 265 8.06 -17.55 -9.59
C PRO A 265 8.48 -18.98 -9.37
N ASP A 266 9.07 -19.57 -10.41
CA ASP A 266 9.73 -20.86 -10.25
C ASP A 266 10.81 -20.74 -9.16
N GLN A 267 11.17 -21.88 -8.58
CA GLN A 267 12.18 -21.90 -7.54
C GLN A 267 13.43 -21.13 -7.99
N ASP A 268 13.86 -20.19 -7.13
CA ASP A 268 15.04 -19.35 -7.33
C ASP A 268 14.89 -18.36 -8.48
N LYS A 269 13.67 -18.04 -8.89
CA LYS A 269 13.48 -17.01 -9.92
C LYS A 269 12.82 -15.75 -9.38
N MET A 270 12.70 -15.60 -8.06
CA MET A 270 12.00 -14.43 -7.51
C MET A 270 12.66 -13.14 -7.95
N GLU A 271 13.99 -13.05 -7.81
CA GLU A 271 14.66 -11.79 -8.10
C GLU A 271 14.53 -11.42 -9.57
N GLU A 272 14.52 -12.42 -10.45
CA GLU A 272 14.33 -12.17 -11.88
C GLU A 272 12.93 -11.60 -12.14
N VAL A 273 11.91 -12.20 -11.53
CA VAL A 273 10.55 -11.67 -11.68
C VAL A 273 10.48 -10.25 -11.11
N GLU A 274 11.07 -10.02 -9.93
CA GLU A 274 11.00 -8.71 -9.30
C GLU A 274 11.61 -7.64 -10.18
N ALA A 275 12.70 -7.96 -10.87
CA ALA A 275 13.36 -7.00 -11.75
C ALA A 275 12.48 -6.58 -12.92
N MET A 276 11.52 -7.42 -13.30
CA MET A 276 10.63 -7.12 -14.41
C MET A 276 9.29 -6.53 -13.96
N LEU A 277 9.11 -6.27 -12.66
CA LEU A 277 7.87 -5.71 -12.14
C LEU A 277 7.71 -4.26 -12.61
N SER A 278 6.62 -4.00 -13.33
CA SER A 278 6.36 -2.68 -13.90
C SER A 278 4.89 -2.62 -14.30
N ARG A 279 4.43 -1.41 -14.60
CA ARG A 279 3.08 -1.26 -15.15
C ARG A 279 2.94 -2.05 -16.45
N GLU A 280 3.94 -1.94 -17.33
CA GLU A 280 3.89 -2.63 -18.60
C GLU A 280 3.78 -4.14 -18.41
N THR A 281 4.55 -4.69 -17.47
CA THR A 281 4.49 -6.13 -17.24
C THR A 281 3.16 -6.56 -16.64
N LEU A 282 2.64 -5.78 -15.67
CA LEU A 282 1.33 -6.09 -15.12
C LEU A 282 0.25 -6.03 -16.20
N ALA A 283 0.38 -5.06 -17.12
CA ALA A 283 -0.56 -4.98 -18.23
C ALA A 283 -0.48 -6.21 -19.12
N ARG A 284 0.75 -6.68 -19.42
CA ARG A 284 0.91 -7.86 -20.24
C ARG A 284 0.29 -9.08 -19.56
N TRP A 285 0.60 -9.27 -18.27
CA TRP A 285 -0.03 -10.35 -17.50
C TRP A 285 -1.55 -10.26 -17.58
N GLY A 286 -2.09 -9.05 -17.35
CA GLY A 286 -3.53 -8.88 -17.34
C GLY A 286 -4.17 -9.21 -18.68
N ASP A 287 -3.51 -8.82 -19.77
CA ASP A 287 -4.03 -9.13 -21.10
C ASP A 287 -3.81 -10.57 -21.51
N SER A 288 -2.99 -11.33 -20.78
CA SER A 288 -2.65 -12.70 -21.17
C SER A 288 -3.38 -13.74 -20.35
N LEU A 289 -4.14 -13.34 -19.34
CA LEU A 289 -4.91 -14.28 -18.56
C LEU A 289 -5.96 -14.97 -19.43
N GLU A 290 -6.09 -16.28 -19.25
CA GLU A 290 -7.15 -17.06 -19.86
C GLU A 290 -7.72 -17.98 -18.80
N PHE A 291 -9.04 -18.19 -18.84
CA PHE A 291 -9.66 -19.09 -17.88
C PHE A 291 -9.13 -20.50 -18.07
N ARG A 292 -8.83 -21.16 -16.96
CA ARG A 292 -8.31 -22.51 -16.99
C ARG A 292 -8.86 -23.28 -15.82
N GLU A 293 -9.16 -24.56 -16.03
CA GLU A 293 -9.56 -25.45 -14.95
C GLU A 293 -8.34 -25.87 -14.15
N ILE A 294 -8.36 -25.60 -12.85
CA ILE A 294 -7.27 -25.97 -11.96
C ILE A 294 -7.73 -27.15 -11.14
N GLY A 295 -6.97 -28.25 -11.18
CA GLY A 295 -7.30 -29.38 -10.36
C GLY A 295 -7.20 -29.06 -8.87
N GLU A 296 -6.08 -28.45 -8.48
CA GLU A 296 -5.81 -28.14 -7.07
C GLU A 296 -5.07 -26.81 -6.99
N LEU A 297 -5.55 -25.92 -6.13
CA LEU A 297 -4.80 -24.73 -5.75
C LEU A 297 -4.47 -24.80 -4.27
N TYR A 298 -3.20 -24.59 -3.94
CA TYR A 298 -2.70 -24.62 -2.56
C TYR A 298 -2.21 -23.23 -2.19
N LEU A 299 -2.74 -22.67 -1.11
CA LEU A 299 -2.37 -21.34 -0.68
C LEU A 299 -2.23 -21.35 0.84
N PRO A 300 -1.11 -20.88 1.38
CA PRO A 300 -0.98 -20.83 2.84
C PRO A 300 -1.99 -19.89 3.48
N LYS A 301 -2.40 -20.26 4.67
CA LYS A 301 -3.07 -19.36 5.59
C LYS A 301 -1.98 -18.66 6.40
N PHE A 302 -1.98 -17.32 6.39
CA PHE A 302 -0.86 -16.63 6.99
C PHE A 302 -1.26 -15.22 7.38
N SER A 303 -0.44 -14.64 8.25
CA SER A 303 -0.55 -13.22 8.59
C SER A 303 0.85 -12.65 8.65
N ILE A 304 1.09 -11.53 7.95
CA ILE A 304 2.39 -10.86 8.01
C ILE A 304 2.18 -9.37 8.27
N SER A 305 3.22 -8.75 8.83
CA SER A 305 3.19 -7.34 9.17
CA SER A 305 3.18 -7.33 9.14
C SER A 305 4.57 -6.75 8.94
N ARG A 306 4.63 -5.51 8.47
CA ARG A 306 5.90 -4.81 8.32
C ARG A 306 5.69 -3.34 8.65
N ASP A 307 6.71 -2.71 9.21
CA ASP A 307 6.66 -1.26 9.33
C ASP A 307 7.95 -0.68 8.76
N TYR A 308 7.86 0.54 8.25
CA TYR A 308 8.91 1.12 7.43
C TYR A 308 9.19 2.55 7.85
N ASN A 309 10.47 2.92 7.78
CA ASN A 309 10.91 4.31 7.75
C ASN A 309 11.18 4.61 6.28
N LEU A 310 10.34 5.43 5.66
CA LEU A 310 10.43 5.66 4.22
C LEU A 310 11.38 6.80 3.84
N ASN A 311 12.11 7.39 4.79
CA ASN A 311 12.96 8.54 4.47
C ASN A 311 13.95 8.22 3.36
N ASP A 312 14.75 7.17 3.52
CA ASP A 312 15.75 6.85 2.51
C ASP A 312 15.08 6.48 1.19
N ILE A 313 13.97 5.75 1.26
CA ILE A 313 13.25 5.34 0.05
C ILE A 313 12.79 6.58 -0.74
N LEU A 314 12.19 7.54 -0.05
CA LEU A 314 11.66 8.71 -0.74
C LEU A 314 12.77 9.57 -1.31
N LEU A 315 13.93 9.57 -0.64
CA LEU A 315 15.06 10.29 -1.20
CA LEU A 315 15.10 10.27 -1.18
C LEU A 315 15.56 9.62 -2.48
N GLN A 316 15.66 8.28 -2.48
CA GLN A 316 16.06 7.59 -3.70
C GLN A 316 15.09 7.88 -4.84
N LEU A 317 13.82 8.15 -4.53
CA LEU A 317 12.82 8.47 -5.54
C LEU A 317 12.80 9.94 -5.92
N GLY A 318 13.72 10.74 -5.40
CA GLY A 318 13.84 12.12 -5.80
C GLY A 318 13.15 13.12 -4.91
N ILE A 319 12.55 12.68 -3.79
CA ILE A 319 11.87 13.60 -2.87
C ILE A 319 12.91 13.99 -1.84
N GLU A 320 13.54 15.14 -2.03
CA GLU A 320 14.68 15.53 -1.20
C GLU A 320 14.46 16.82 -0.44
N GLU A 321 14.01 17.89 -1.12
CA GLU A 321 14.01 19.21 -0.50
C GLU A 321 13.06 19.28 0.69
N ALA A 322 11.96 18.52 0.66
CA ALA A 322 11.02 18.55 1.77
C ALA A 322 11.67 18.17 3.10
N PHE A 323 12.79 17.44 3.08
CA PHE A 323 13.49 17.01 4.28
C PHE A 323 14.60 17.97 4.72
N THR A 324 14.97 18.94 3.88
CA THR A 324 16.15 19.76 4.12
C THR A 324 15.77 21.12 4.69
N SER A 325 16.81 21.88 5.06
CA SER A 325 16.60 23.25 5.51
C SER A 325 16.08 24.15 4.39
N LYS A 326 16.12 23.69 3.14
CA LYS A 326 15.60 24.42 2.00
C LYS A 326 14.15 24.04 1.68
N ALA A 327 13.48 23.31 2.57
CA ALA A 327 12.12 22.87 2.32
C ALA A 327 11.19 24.05 2.08
N ASP A 328 10.28 23.91 1.12
CA ASP A 328 9.29 24.95 0.83
C ASP A 328 7.90 24.34 1.03
N LEU A 329 7.38 24.50 2.25
CA LEU A 329 6.02 24.10 2.56
C LEU A 329 5.13 25.31 2.84
N SER A 330 5.42 26.44 2.17
CA SER A 330 4.74 27.70 2.45
C SER A 330 3.28 27.70 2.03
N GLY A 331 2.85 26.70 1.25
CA GLY A 331 1.43 26.54 1.01
C GLY A 331 0.64 26.15 2.24
N ILE A 332 1.32 25.72 3.31
CA ILE A 332 0.65 25.34 4.55
C ILE A 332 0.40 26.55 5.43
N THR A 333 1.44 27.37 5.63
CA THR A 333 1.40 28.47 6.58
C THR A 333 1.57 29.85 5.95
N GLY A 334 1.98 29.93 4.69
CA GLY A 334 2.33 31.21 4.10
C GLY A 334 3.77 31.61 4.28
N ALA A 335 4.53 30.89 5.12
CA ALA A 335 5.94 31.12 5.28
C ALA A 335 6.70 29.81 5.12
N ARG A 336 7.99 29.93 4.82
CA ARG A 336 8.86 28.77 4.61
C ARG A 336 9.40 28.27 5.95
N ASN A 337 8.48 27.89 6.84
CA ASN A 337 8.84 27.58 8.24
C ASN A 337 8.53 26.14 8.64
N LEU A 338 8.37 25.22 7.70
CA LEU A 338 8.09 23.83 8.04
C LEU A 338 8.92 22.89 7.16
N ALA A 339 9.29 21.75 7.73
CA ALA A 339 10.07 20.75 7.02
C ALA A 339 9.67 19.37 7.49
N VAL A 340 9.69 18.40 6.56
CA VAL A 340 9.40 17.02 6.92
C VAL A 340 10.57 16.46 7.71
N SER A 341 10.26 15.78 8.80
CA SER A 341 11.29 15.01 9.52
C SER A 341 11.27 13.53 9.17
N GLN A 342 10.09 12.92 9.04
CA GLN A 342 10.04 11.48 8.87
C GLN A 342 8.72 11.12 8.20
N VAL A 343 8.76 10.13 7.30
CA VAL A 343 7.56 9.49 6.75
C VAL A 343 7.62 8.01 7.15
N VAL A 344 6.56 7.52 7.80
CA VAL A 344 6.53 6.14 8.26
C VAL A 344 5.31 5.43 7.67
N HIS A 345 5.36 4.11 7.67
CA HIS A 345 4.30 3.31 7.06
C HIS A 345 4.27 1.97 7.77
N LYS A 346 3.06 1.47 8.06
CA LYS A 346 2.90 0.14 8.61
C LYS A 346 1.75 -0.54 7.89
N ALA A 347 1.91 -1.84 7.60
CA ALA A 347 0.85 -2.58 6.93
C ALA A 347 0.77 -4.00 7.49
N VAL A 348 -0.43 -4.57 7.39
CA VAL A 348 -0.70 -5.93 7.86
CA VAL A 348 -0.72 -5.92 7.86
C VAL A 348 -1.55 -6.63 6.81
N LEU A 349 -1.26 -7.91 6.58
CA LEU A 349 -1.98 -8.72 5.61
C LEU A 349 -2.34 -10.04 6.26
N ASP A 350 -3.63 -10.40 6.21
CA ASP A 350 -4.14 -11.59 6.87
C ASP A 350 -4.93 -12.39 5.82
N VAL A 351 -4.44 -13.58 5.49
CA VAL A 351 -5.05 -14.41 4.45
C VAL A 351 -5.54 -15.70 5.09
N PHE A 352 -6.79 -16.06 4.82
CA PHE A 352 -7.44 -17.17 5.52
C PHE A 352 -8.58 -17.72 4.64
N GLU A 353 -9.25 -18.75 5.15
CA GLU A 353 -10.13 -19.53 4.28
C GLU A 353 -11.30 -18.69 3.77
N GLU A 354 -11.83 -17.80 4.59
CA GLU A 354 -13.02 -17.05 4.22
C GLU A 354 -12.70 -15.85 3.32
N GLY A 355 -11.50 -15.29 3.43
CA GLY A 355 -11.19 -14.10 2.66
C GLY A 355 -9.86 -13.49 3.05
N THR A 356 -9.81 -12.15 3.09
CA THR A 356 -8.58 -11.43 3.35
C THR A 356 -8.91 -10.17 4.14
N GLU A 357 -8.10 -9.91 5.15
CA GLU A 357 -8.10 -8.64 5.85
C GLU A 357 -6.73 -8.00 5.67
N ALA A 358 -6.70 -6.74 5.28
CA ALA A 358 -5.44 -6.02 5.11
C ALA A 358 -5.67 -4.55 5.46
N SER A 359 -4.68 -3.93 6.09
CA SER A 359 -4.79 -2.52 6.38
C SER A 359 -3.40 -1.90 6.50
N ALA A 360 -3.37 -0.57 6.41
CA ALA A 360 -2.10 0.13 6.41
C ALA A 360 -2.34 1.57 6.82
N ALA A 361 -1.27 2.24 7.21
CA ALA A 361 -1.35 3.66 7.50
C ALA A 361 -0.01 4.29 7.20
N THR A 362 -0.05 5.56 6.82
CA THR A 362 1.15 6.34 6.52
C THR A 362 1.08 7.63 7.32
N ALA A 363 2.20 8.03 7.92
CA ALA A 363 2.25 9.29 8.64
C ALA A 363 3.43 10.12 8.14
N VAL A 364 3.19 11.42 7.98
CA VAL A 364 4.20 12.39 7.57
C VAL A 364 4.40 13.32 8.75
N LYS A 365 5.56 13.26 9.40
CA LYS A 365 5.84 14.09 10.56
C LYS A 365 6.56 15.35 10.10
N ILE A 366 6.12 16.50 10.63
CA ILE A 366 6.56 17.80 10.16
C ILE A 366 6.99 18.64 11.36
N THR A 367 8.14 19.32 11.24
CA THR A 367 8.66 20.17 12.29
C THR A 367 8.81 21.61 11.79
N LEU A 368 9.08 22.51 12.74
CA LEU A 368 9.54 23.85 12.41
C LEU A 368 10.85 23.78 11.64
N LEU A 369 11.10 24.79 10.84
CA LEU A 369 12.32 24.84 10.04
C LEU A 369 13.29 25.86 10.66
N THR B 6 -4.10 -34.94 -17.47
CA THR B 6 -3.05 -34.12 -16.87
C THR B 6 -3.61 -32.77 -16.42
N ARG B 7 -4.13 -32.74 -15.19
CA ARG B 7 -4.69 -31.51 -14.63
C ARG B 7 -3.59 -30.55 -14.21
N THR B 8 -3.95 -29.28 -14.07
CA THR B 8 -3.01 -28.27 -13.62
C THR B 8 -3.11 -28.10 -12.11
N ILE B 9 -1.96 -27.89 -11.48
CA ILE B 9 -1.87 -27.66 -10.04
C ILE B 9 -1.06 -26.39 -9.81
N VAL B 10 -1.60 -25.50 -8.99
CA VAL B 10 -0.92 -24.26 -8.61
C VAL B 10 -0.65 -24.35 -7.12
N ARG B 11 0.63 -24.48 -6.74
CA ARG B 11 1.03 -24.77 -5.37
C ARG B 11 1.93 -23.65 -4.84
N PHE B 12 1.38 -22.78 -4.00
CA PHE B 12 2.12 -21.64 -3.44
C PHE B 12 2.88 -22.10 -2.21
N ASN B 13 3.86 -23.00 -2.43
CA ASN B 13 4.69 -23.51 -1.34
C ASN B 13 6.13 -23.01 -1.45
N ARG B 14 6.32 -21.84 -2.06
CA ARG B 14 7.60 -21.13 -2.12
C ARG B 14 7.30 -19.65 -2.29
N PRO B 15 8.31 -18.78 -2.12
CA PRO B 15 8.03 -17.33 -2.12
C PRO B 15 7.23 -16.86 -3.34
N PHE B 16 6.22 -16.02 -3.08
CA PHE B 16 5.30 -15.58 -4.12
C PHE B 16 4.93 -14.13 -3.87
N LEU B 17 4.31 -13.51 -4.87
CA LEU B 17 3.85 -12.13 -4.77
C LEU B 17 2.33 -12.09 -4.78
N MET B 18 1.79 -11.06 -4.15
CA MET B 18 0.36 -10.77 -4.14
C MET B 18 0.17 -9.31 -4.47
N ILE B 19 -0.72 -9.02 -5.42
CA ILE B 19 -1.06 -7.64 -5.74
C ILE B 19 -2.58 -7.52 -5.65
N ILE B 20 -3.06 -6.85 -4.62
CA ILE B 20 -4.49 -6.68 -4.39
C ILE B 20 -4.94 -5.43 -5.11
N VAL B 21 -5.87 -5.58 -6.08
CA VAL B 21 -6.21 -4.50 -7.00
C VAL B 21 -7.71 -4.25 -7.00
N ASP B 22 -8.06 -3.02 -7.35
CA ASP B 22 -9.44 -2.59 -7.52
C ASP B 22 -9.71 -2.50 -9.02
N HIS B 23 -10.66 -3.32 -9.51
CA HIS B 23 -11.05 -3.23 -10.91
C HIS B 23 -11.70 -1.90 -11.26
N PHE B 24 -12.29 -1.23 -10.27
CA PHE B 24 -12.98 0.04 -10.51
C PHE B 24 -11.98 1.16 -10.79
N THR B 25 -11.06 1.41 -9.85
CA THR B 25 -10.13 2.52 -9.96
C THR B 25 -8.77 2.13 -10.50
N TRP B 26 -8.50 0.83 -10.68
CA TRP B 26 -7.17 0.32 -11.01
C TRP B 26 -6.14 0.66 -9.94
N SER B 27 -6.59 0.96 -8.72
CA SER B 27 -5.69 1.17 -7.61
C SER B 27 -5.08 -0.15 -7.17
N ILE B 28 -3.81 -0.10 -6.79
CA ILE B 28 -3.18 -1.20 -6.06
C ILE B 28 -3.38 -0.89 -4.58
N PHE B 29 -4.28 -1.63 -3.93
CA PHE B 29 -4.54 -1.45 -2.51
C PHE B 29 -3.35 -1.91 -1.69
N PHE B 30 -2.84 -3.09 -2.00
CA PHE B 30 -1.74 -3.70 -1.26
C PHE B 30 -0.86 -4.48 -2.21
N MET B 31 0.43 -4.50 -1.90
CA MET B 31 1.37 -5.32 -2.63
C MET B 31 2.24 -6.05 -1.62
N SER B 32 2.47 -7.33 -1.86
CA SER B 32 3.12 -8.16 -0.87
C SER B 32 4.08 -9.13 -1.54
N LYS B 33 5.21 -9.39 -0.88
CA LYS B 33 6.02 -10.57 -1.16
C LYS B 33 6.04 -11.43 0.09
N VAL B 34 5.62 -12.69 -0.05
CA VAL B 34 5.64 -13.65 1.05
C VAL B 34 6.88 -14.51 0.84
N THR B 35 7.97 -14.17 1.55
CA THR B 35 9.15 -15.03 1.56
C THR B 35 9.11 -16.05 2.68
N ASN B 36 8.44 -15.73 3.78
CA ASN B 36 8.30 -16.69 4.87
C ASN B 36 7.02 -16.35 5.62
N PRO B 37 5.98 -17.17 5.48
CA PRO B 37 4.72 -16.87 6.19
C PRO B 37 4.86 -16.85 7.69
N LYS B 38 5.94 -17.42 8.24
CA LYS B 38 6.19 -17.45 9.67
C LYS B 38 7.39 -16.59 10.07
N GLN B 39 7.72 -15.57 9.29
CA GLN B 39 8.92 -14.79 9.54
C GLN B 39 8.71 -13.85 10.73
N ALA B 40 9.72 -13.80 11.60
CA ALA B 40 9.70 -12.89 12.75
C ALA B 40 9.65 -11.43 12.29
#